data_7TLN
#
_entry.id   7TLN
#
_cell.length_a   94.200
_cell.length_b   94.200
_cell.length_c   131.400
_cell.angle_alpha   90.00
_cell.angle_beta   90.00
_cell.angle_gamma   120.00
#
_symmetry.space_group_name_H-M   'P 61 2 2'
#
loop_
_entity.id
_entity.type
_entity.pdbx_description
1 polymer THERMOLYSIN
2 non-polymer 'CALCIUM ION'
3 non-polymer 'ZINC ION'
4 non-polymer '2-(ACETYL-HYDROXY-AMINO)-4-METHYL-PENTANOIC ACID METHYL ESTER'
5 water water
#
_entity_poly.entity_id   1
_entity_poly.type   'polypeptide(L)'
_entity_poly.pdbx_seq_one_letter_code
;ITGTSTVGVGRGVLGDQKNINTTYSTYYYLQDNTRGDGIFTYDAKYRTTLPGSLWADADNQFFASYDAPAVDAHYYAGVT
YDYYKNVHNRLSYDGNNAAIRSSVHYSQGYNNAFWNGSEMVYGDGDGQTFIPLSGGIDVVAHELTHAVTDYTAGLIYQNE
SGAINEAISDIFGTLVEFYANKNPDWEIGEDVYTPGISGDSLRSMSDPAKYGDPDHYSKRYTGTQDNGGVHINSGIINKA
AYLISQGGTHYGVSVVGIGRDKLGKIFYRALTQYLTPTSNFSQLRAAAVQSATDLYGSTSQEVASVKQAFDAVGVK
;
_entity_poly.pdbx_strand_id   A
#
loop_
_chem_comp.id
_chem_comp.type
_chem_comp.name
_chem_comp.formula
CA non-polymer 'CALCIUM ION' 'Ca 2'
INC non-polymer '2-(ACETYL-HYDROXY-AMINO)-4-METHYL-PENTANOIC ACID METHYL ESTER' 'C9 H17 N O4'
ZN non-polymer 'ZINC ION' 'Zn 2'
#
# COMPACT_ATOMS: atom_id res chain seq x y z
N ILE A 1 17.02 -20.02 -4.46
CA ILE A 1 18.14 -20.41 -5.33
C ILE A 1 19.56 -19.88 -4.92
N THR A 2 20.61 -20.69 -5.09
CA THR A 2 21.98 -20.26 -4.78
C THR A 2 22.68 -19.84 -6.05
N GLY A 3 23.20 -18.63 -6.15
CA GLY A 3 23.84 -18.20 -7.37
C GLY A 3 24.56 -16.87 -7.21
N THR A 4 24.87 -16.31 -8.34
CA THR A 4 25.56 -15.04 -8.46
C THR A 4 24.57 -13.87 -8.65
N SER A 5 24.66 -12.86 -7.76
CA SER A 5 23.82 -11.66 -7.89
C SER A 5 24.23 -10.90 -9.12
N THR A 6 23.26 -10.50 -9.92
CA THR A 6 23.51 -9.74 -11.17
C THR A 6 22.37 -8.75 -11.37
N VAL A 7 22.36 -8.00 -12.43
CA VAL A 7 21.32 -7.01 -12.59
C VAL A 7 20.73 -7.11 -13.99
N GLY A 8 19.41 -7.32 -14.14
CA GLY A 8 18.75 -7.36 -15.46
C GLY A 8 17.96 -6.08 -15.81
N VAL A 9 17.42 -6.07 -17.00
CA VAL A 9 16.62 -4.95 -17.45
C VAL A 9 15.36 -5.55 -18.04
N GLY A 10 14.29 -4.76 -17.88
CA GLY A 10 13.00 -5.14 -18.35
C GLY A 10 12.12 -3.92 -18.56
N ARG A 11 10.88 -4.21 -18.99
CA ARG A 11 9.88 -3.22 -19.23
C ARG A 11 8.70 -3.54 -18.39
N GLY A 12 8.15 -2.56 -17.69
CA GLY A 12 7.00 -2.77 -16.82
C GLY A 12 5.69 -2.79 -17.58
N VAL A 13 4.62 -2.94 -16.86
CA VAL A 13 3.24 -2.91 -17.42
C VAL A 13 2.93 -1.61 -18.21
N LEU A 14 3.35 -0.46 -17.70
CA LEU A 14 3.21 0.87 -18.32
C LEU A 14 4.21 1.17 -19.50
N GLY A 15 5.10 0.23 -19.81
CA GLY A 15 5.99 0.28 -20.94
C GLY A 15 7.33 0.93 -20.57
N ASP A 16 7.52 1.16 -19.26
CA ASP A 16 8.72 1.83 -18.72
C ASP A 16 9.82 0.82 -18.47
N GLN A 17 11.05 1.23 -18.79
CA GLN A 17 12.22 0.44 -18.70
C GLN A 17 12.85 0.62 -17.35
N LYS A 18 13.24 -0.51 -16.76
CA LYS A 18 13.89 -0.54 -15.47
C LYS A 18 14.88 -1.65 -15.33
N ASN A 19 15.85 -1.45 -14.44
CA ASN A 19 16.79 -2.46 -14.00
C ASN A 19 16.17 -3.24 -12.83
N ILE A 20 16.36 -4.57 -12.83
CA ILE A 20 15.90 -5.29 -11.69
C ILE A 20 17.07 -6.09 -11.12
N ASN A 21 17.02 -6.47 -9.82
CA ASN A 21 18.08 -7.32 -9.26
C ASN A 21 17.66 -8.80 -9.41
N THR A 22 18.59 -9.60 -9.96
CA THR A 22 18.38 -11.00 -10.32
C THR A 22 19.53 -11.88 -9.78
N THR A 23 19.38 -13.19 -9.94
CA THR A 23 20.31 -14.19 -9.48
C THR A 23 20.57 -15.13 -10.56
N TYR A 24 21.82 -15.38 -10.77
CA TYR A 24 22.22 -16.31 -11.83
C TYR A 24 22.72 -17.68 -11.38
N SER A 25 22.07 -18.71 -11.96
CA SER A 25 22.33 -20.10 -11.70
C SER A 25 21.68 -20.88 -12.81
N THR A 26 22.38 -20.98 -13.94
CA THR A 26 21.92 -21.60 -15.20
C THR A 26 20.88 -20.71 -15.85
N TYR A 27 19.87 -20.37 -15.07
CA TYR A 27 18.91 -19.46 -15.58
C TYR A 27 19.15 -18.19 -14.83
N TYR A 28 18.42 -17.15 -15.22
CA TYR A 28 18.46 -15.88 -14.46
C TYR A 28 17.16 -15.84 -13.68
N TYR A 29 17.18 -15.74 -12.34
CA TYR A 29 15.95 -15.71 -11.59
C TYR A 29 15.57 -14.32 -11.07
N LEU A 30 14.29 -14.15 -10.84
CA LEU A 30 13.76 -12.96 -10.22
C LEU A 30 13.87 -13.17 -8.67
N GLN A 31 15.14 -13.10 -8.18
CA GLN A 31 15.57 -13.18 -6.81
C GLN A 31 16.57 -12.08 -6.53
N ASP A 32 16.25 -11.19 -5.61
CA ASP A 32 17.04 -10.02 -5.25
C ASP A 32 17.62 -10.32 -3.92
N ASN A 33 18.96 -10.35 -3.93
CA ASN A 33 19.76 -10.71 -2.78
C ASN A 33 20.17 -9.61 -1.85
N THR A 34 20.02 -8.41 -2.39
CA THR A 34 20.43 -7.14 -1.82
C THR A 34 19.51 -6.64 -0.72
N ARG A 35 18.32 -7.22 -0.60
CA ARG A 35 17.41 -6.67 0.34
C ARG A 35 16.95 -7.67 1.35
N GLY A 36 17.44 -7.54 2.55
CA GLY A 36 17.05 -8.50 3.59
C GLY A 36 17.36 -9.92 3.25
N ASP A 37 16.41 -10.74 3.57
CA ASP A 37 16.58 -12.10 3.21
C ASP A 37 16.16 -12.39 1.77
N GLY A 38 15.90 -11.37 0.95
CA GLY A 38 15.59 -11.46 -0.47
C GLY A 38 14.16 -11.11 -0.84
N ILE A 39 14.03 -10.77 -2.13
CA ILE A 39 12.76 -10.52 -2.82
C ILE A 39 12.67 -11.55 -3.97
N PHE A 40 11.64 -12.39 -3.93
CA PHE A 40 11.37 -13.51 -4.83
C PHE A 40 10.04 -13.33 -5.54
N THR A 41 10.06 -13.41 -6.85
CA THR A 41 8.90 -13.25 -7.69
C THR A 41 8.66 -14.54 -8.46
N TYR A 42 7.39 -14.96 -8.37
CA TYR A 42 6.91 -16.24 -8.96
C TYR A 42 5.89 -16.10 -10.10
N ASP A 43 5.85 -17.11 -10.94
CA ASP A 43 4.87 -17.20 -12.02
C ASP A 43 3.77 -18.15 -11.59
N ALA A 44 2.53 -17.65 -11.45
CA ALA A 44 1.42 -18.50 -11.07
C ALA A 44 0.75 -19.22 -12.27
N LYS A 45 1.22 -18.89 -13.48
CA LYS A 45 0.82 -19.45 -14.79
C LYS A 45 -0.65 -19.53 -15.10
N TYR A 46 -1.41 -18.49 -14.72
CA TYR A 46 -2.88 -18.48 -14.85
C TYR A 46 -3.63 -19.55 -13.97
N ARG A 47 -3.01 -20.02 -12.88
CA ARG A 47 -3.66 -20.95 -12.03
C ARG A 47 -3.79 -20.24 -10.70
N THR A 48 -4.40 -20.89 -9.67
CA THR A 48 -4.73 -20.38 -8.33
C THR A 48 -3.82 -21.02 -7.26
N THR A 49 -2.98 -21.91 -7.72
CA THR A 49 -2.06 -22.68 -6.91
C THR A 49 -0.83 -21.87 -6.64
N LEU A 50 -0.50 -21.63 -5.36
CA LEU A 50 0.53 -20.69 -4.95
C LEU A 50 1.70 -21.36 -4.27
N PRO A 51 2.94 -20.80 -4.33
CA PRO A 51 3.30 -19.52 -5.06
C PRO A 51 3.47 -19.65 -6.56
N GLY A 52 3.56 -20.88 -7.01
CA GLY A 52 3.83 -21.10 -8.41
C GLY A 52 5.35 -21.48 -8.63
N SER A 53 5.97 -21.00 -9.76
CA SER A 53 7.39 -21.31 -10.04
C SER A 53 8.25 -20.13 -9.87
N LEU A 54 9.44 -20.19 -9.28
CA LEU A 54 10.25 -18.98 -9.14
C LEU A 54 10.58 -18.53 -10.58
N TRP A 55 10.41 -17.24 -10.85
CA TRP A 55 10.57 -16.77 -12.20
C TRP A 55 11.98 -16.93 -12.76
N ALA A 56 12.07 -17.68 -13.87
CA ALA A 56 13.27 -18.04 -14.64
C ALA A 56 13.25 -17.50 -16.05
N ASP A 57 14.38 -16.92 -16.37
CA ASP A 57 14.56 -16.30 -17.62
C ASP A 57 15.93 -16.71 -18.15
N ALA A 58 16.02 -17.03 -19.44
CA ALA A 58 17.24 -17.42 -20.11
C ALA A 58 18.32 -16.32 -20.36
N ASP A 59 17.96 -15.08 -20.65
CA ASP A 59 18.94 -14.08 -20.96
C ASP A 59 18.95 -12.82 -20.09
N ASN A 60 18.28 -12.75 -18.91
CA ASN A 60 18.31 -11.56 -18.04
C ASN A 60 17.66 -10.34 -18.68
N GLN A 61 16.83 -10.55 -19.67
CA GLN A 61 16.12 -9.47 -20.35
C GLN A 61 14.66 -9.80 -20.29
N PHE A 62 13.92 -8.84 -19.72
CA PHE A 62 12.53 -9.05 -19.47
C PHE A 62 11.66 -8.12 -20.34
N PHE A 63 11.64 -8.30 -21.67
CA PHE A 63 10.86 -7.39 -22.52
C PHE A 63 9.59 -7.95 -23.11
N ALA A 64 9.27 -9.16 -22.73
CA ALA A 64 8.10 -9.79 -23.34
C ALA A 64 6.87 -9.37 -22.61
N SER A 65 5.71 -9.35 -23.23
CA SER A 65 4.55 -8.82 -22.54
C SER A 65 4.15 -9.65 -21.32
N TYR A 66 4.39 -10.98 -21.40
CA TYR A 66 4.20 -11.89 -20.29
C TYR A 66 5.04 -11.60 -19.03
N ASP A 67 6.32 -11.06 -19.24
CA ASP A 67 7.32 -10.57 -18.27
C ASP A 67 6.85 -9.35 -17.49
N ALA A 68 6.07 -8.42 -18.13
CA ALA A 68 5.62 -7.08 -17.60
C ALA A 68 5.22 -6.98 -16.11
N PRO A 69 4.28 -7.82 -15.74
CA PRO A 69 3.78 -7.82 -14.33
C PRO A 69 4.79 -8.33 -13.32
N ALA A 70 5.66 -9.25 -13.74
CA ALA A 70 6.70 -9.76 -12.90
C ALA A 70 7.76 -8.70 -12.55
N VAL A 71 8.19 -7.92 -13.55
CA VAL A 71 9.16 -6.80 -13.47
C VAL A 71 8.75 -5.80 -12.38
N ASP A 72 7.49 -5.39 -12.51
CA ASP A 72 6.89 -4.40 -11.69
C ASP A 72 6.69 -4.93 -10.28
N ALA A 73 6.22 -6.17 -10.13
CA ALA A 73 5.98 -6.70 -8.77
C ALA A 73 7.26 -6.77 -7.99
N HIS A 74 8.30 -7.29 -8.64
CA HIS A 74 9.69 -7.39 -8.18
C HIS A 74 10.29 -6.01 -7.84
N TYR A 75 10.25 -5.08 -8.84
CA TYR A 75 10.80 -3.76 -8.63
C TYR A 75 10.11 -3.00 -7.52
N TYR A 76 8.76 -2.95 -7.55
CA TYR A 76 8.02 -2.14 -6.60
C TYR A 76 8.08 -2.68 -5.21
N ALA A 77 8.29 -4.01 -5.07
CA ALA A 77 8.50 -4.63 -3.79
C ALA A 77 9.82 -4.18 -3.22
N GLY A 78 10.82 -3.99 -4.09
CA GLY A 78 12.14 -3.40 -3.75
C GLY A 78 12.00 -1.97 -3.20
N VAL A 79 11.25 -1.10 -3.91
CA VAL A 79 11.06 0.28 -3.46
C VAL A 79 10.35 0.46 -2.15
N THR A 80 9.39 -0.45 -1.94
CA THR A 80 8.59 -0.53 -0.74
C THR A 80 9.44 -0.88 0.48
N TYR A 81 10.36 -1.85 0.32
CA TYR A 81 11.32 -2.30 1.33
C TYR A 81 12.23 -1.12 1.65
N ASP A 82 12.67 -0.45 0.60
CA ASP A 82 13.55 0.70 0.73
C ASP A 82 12.94 1.83 1.56
N TYR A 83 11.66 2.13 1.30
CA TYR A 83 10.91 3.14 1.97
C TYR A 83 10.86 2.78 3.43
N TYR A 84 10.49 1.58 3.78
CA TYR A 84 10.40 1.16 5.16
C TYR A 84 11.70 1.24 5.91
N LYS A 85 12.76 0.80 5.25
CA LYS A 85 14.04 0.75 5.86
C LYS A 85 14.58 2.16 6.02
N ASN A 86 14.52 2.96 4.94
CA ASN A 86 15.11 4.31 4.97
C ASN A 86 14.37 5.33 5.82
N VAL A 87 13.04 5.31 5.70
CA VAL A 87 12.18 6.25 6.36
C VAL A 87 11.80 5.83 7.79
N HIS A 88 11.55 4.55 8.03
CA HIS A 88 11.07 4.23 9.37
C HIS A 88 11.93 3.29 10.10
N ASN A 89 13.06 2.94 9.50
CA ASN A 89 14.05 2.06 10.12
C ASN A 89 13.54 0.61 10.31
N ARG A 90 12.67 0.15 9.43
CA ARG A 90 12.06 -1.15 9.61
C ARG A 90 12.56 -2.07 8.54
N LEU A 91 13.04 -3.24 8.95
CA LEU A 91 13.65 -4.18 8.01
C LEU A 91 12.60 -5.21 7.59
N SER A 92 12.12 -5.02 6.35
CA SER A 92 11.05 -5.87 5.81
C SER A 92 9.75 -5.72 6.57
N TYR A 93 8.70 -6.51 6.26
CA TYR A 93 7.41 -6.41 6.97
C TYR A 93 7.29 -6.88 8.43
N ASP A 94 8.15 -7.83 8.78
CA ASP A 94 8.31 -8.33 10.10
C ASP A 94 9.43 -7.63 10.95
N GLY A 95 10.29 -6.84 10.36
CA GLY A 95 11.22 -6.08 11.14
C GLY A 95 12.42 -6.89 11.42
N ASN A 96 12.36 -8.03 10.80
CA ASN A 96 13.45 -8.97 10.88
C ASN A 96 13.97 -9.47 9.55
N ASN A 97 13.81 -8.67 8.48
CA ASN A 97 14.33 -8.98 7.17
C ASN A 97 13.75 -10.23 6.50
N ALA A 98 12.48 -10.53 6.82
CA ALA A 98 11.83 -11.70 6.20
C ALA A 98 11.74 -11.54 4.72
N ALA A 99 11.98 -12.61 4.00
CA ALA A 99 11.84 -12.64 2.54
C ALA A 99 10.42 -12.21 2.07
N ILE A 100 10.42 -11.40 1.04
CA ILE A 100 9.24 -10.85 0.41
C ILE A 100 8.94 -11.70 -0.82
N ARG A 101 7.73 -12.25 -0.93
CA ARG A 101 7.36 -13.12 -2.02
C ARG A 101 6.12 -12.56 -2.65
N SER A 102 6.06 -12.66 -3.96
CA SER A 102 5.00 -12.18 -4.87
C SER A 102 4.74 -13.19 -6.01
N SER A 103 3.49 -13.44 -6.34
CA SER A 103 3.11 -14.30 -7.47
C SER A 103 2.24 -13.49 -8.40
N VAL A 104 2.59 -13.54 -9.70
CA VAL A 104 1.93 -12.77 -10.74
C VAL A 104 1.19 -13.75 -11.67
N HIS A 105 0.22 -13.27 -12.49
CA HIS A 105 -0.48 -14.09 -13.44
C HIS A 105 -1.35 -15.09 -12.71
N TYR A 106 -1.87 -14.63 -11.60
CA TYR A 106 -2.77 -15.43 -10.79
C TYR A 106 -4.20 -15.43 -11.40
N SER A 107 -4.71 -16.66 -11.64
CA SER A 107 -5.99 -16.95 -12.25
C SER A 107 -6.13 -16.33 -13.71
N GLN A 108 -7.35 -16.30 -14.19
CA GLN A 108 -7.64 -15.70 -15.48
C GLN A 108 -8.53 -14.47 -15.26
N GLY A 109 -8.05 -13.35 -15.79
CA GLY A 109 -8.78 -12.12 -15.75
C GLY A 109 -9.15 -11.73 -14.33
N TYR A 110 -8.21 -11.92 -13.39
CA TYR A 110 -8.49 -11.68 -11.99
C TYR A 110 -8.31 -10.19 -11.67
N ASN A 111 -9.35 -9.48 -11.22
CA ASN A 111 -9.40 -8.07 -11.00
C ASN A 111 -9.08 -7.68 -9.57
N ASN A 112 -7.95 -8.11 -9.05
CA ASN A 112 -7.53 -7.75 -7.71
C ASN A 112 -6.10 -8.25 -7.44
N ALA A 113 -5.58 -7.85 -6.30
CA ALA A 113 -4.31 -8.19 -5.77
C ALA A 113 -4.65 -8.43 -4.32
N PHE A 114 -3.79 -9.08 -3.50
CA PHE A 114 -3.88 -9.36 -2.10
C PHE A 114 -2.65 -9.95 -1.41
N TRP A 115 -2.61 -9.65 -0.15
CA TRP A 115 -1.71 -10.18 0.84
C TRP A 115 -2.54 -11.33 1.41
N ASN A 116 -2.05 -12.55 1.24
CA ASN A 116 -2.74 -13.70 1.78
C ASN A 116 -2.17 -14.19 3.18
N GLY A 117 -1.44 -13.38 3.96
CA GLY A 117 -0.99 -13.92 5.23
C GLY A 117 0.43 -14.40 5.13
N SER A 118 0.84 -14.80 3.88
CA SER A 118 2.23 -15.09 3.70
C SER A 118 2.93 -14.51 2.47
N GLU A 119 2.18 -14.00 1.53
CA GLU A 119 2.77 -13.50 0.29
C GLU A 119 1.75 -12.62 -0.44
N MET A 120 2.23 -11.85 -1.45
CA MET A 120 1.42 -11.03 -2.24
C MET A 120 0.97 -11.77 -3.46
N VAL A 121 -0.25 -11.58 -3.91
CA VAL A 121 -0.75 -12.20 -5.13
C VAL A 121 -1.33 -11.15 -6.08
N TYR A 122 -1.00 -11.29 -7.39
CA TYR A 122 -1.43 -10.25 -8.37
C TYR A 122 -2.12 -10.83 -9.59
N GLY A 123 -3.39 -10.45 -9.79
CA GLY A 123 -4.12 -10.89 -10.95
C GLY A 123 -3.65 -9.97 -12.08
N ASP A 124 -4.01 -10.33 -13.34
CA ASP A 124 -3.70 -9.60 -14.55
C ASP A 124 -4.79 -8.63 -14.95
N GLY A 125 -5.95 -8.68 -14.32
CA GLY A 125 -7.10 -7.85 -14.71
C GLY A 125 -7.79 -8.43 -15.95
N ASP A 126 -8.91 -7.90 -16.31
CA ASP A 126 -9.65 -8.37 -17.44
C ASP A 126 -9.38 -7.55 -18.62
N GLY A 127 -8.50 -6.54 -18.46
CA GLY A 127 -8.00 -5.68 -19.50
C GLY A 127 -8.91 -4.51 -19.73
N GLN A 128 -9.97 -4.41 -18.93
CA GLN A 128 -10.88 -3.29 -19.08
C GLN A 128 -11.16 -2.57 -17.76
N THR A 129 -11.38 -3.35 -16.76
CA THR A 129 -11.57 -2.73 -15.48
C THR A 129 -10.16 -2.43 -14.96
N PHE A 130 -9.24 -3.39 -15.21
CA PHE A 130 -7.88 -3.32 -14.72
C PHE A 130 -6.99 -3.97 -15.70
N ILE A 131 -5.77 -3.47 -15.65
CA ILE A 131 -4.60 -3.96 -16.30
C ILE A 131 -3.82 -4.61 -15.14
N PRO A 132 -2.78 -5.45 -15.41
CA PRO A 132 -1.99 -6.12 -14.35
C PRO A 132 -1.64 -5.29 -13.15
N LEU A 133 -2.31 -5.62 -12.06
CA LEU A 133 -2.25 -4.88 -10.84
C LEU A 133 -0.89 -4.42 -10.26
N SER A 134 0.17 -5.19 -10.48
CA SER A 134 1.48 -4.81 -9.99
C SER A 134 2.07 -3.61 -10.73
N GLY A 135 1.40 -3.04 -11.74
CA GLY A 135 1.87 -1.83 -12.44
C GLY A 135 1.59 -0.53 -11.65
N GLY A 136 0.88 -0.63 -10.54
CA GLY A 136 0.59 0.50 -9.71
C GLY A 136 1.49 0.42 -8.50
N ILE A 137 2.37 1.39 -8.33
CA ILE A 137 3.17 1.35 -7.12
C ILE A 137 2.30 1.45 -5.81
N ASP A 138 1.22 2.26 -5.82
CA ASP A 138 0.39 2.43 -4.65
C ASP A 138 -0.34 1.14 -4.24
N VAL A 139 -0.63 0.30 -5.25
CA VAL A 139 -1.24 -1.05 -5.11
C VAL A 139 -0.28 -2.01 -4.43
N VAL A 140 0.98 -2.06 -4.92
CA VAL A 140 2.08 -2.86 -4.36
C VAL A 140 2.38 -2.44 -2.91
N ALA A 141 2.42 -1.17 -2.61
CA ALA A 141 2.75 -0.72 -1.27
C ALA A 141 1.56 -0.89 -0.31
N HIS A 142 0.33 -0.84 -0.87
CA HIS A 142 -0.85 -1.07 -0.07
C HIS A 142 -0.89 -2.48 0.44
N GLU A 143 -0.62 -3.42 -0.42
CA GLU A 143 -0.53 -4.82 -0.11
C GLU A 143 0.57 -5.24 0.83
N LEU A 144 1.76 -4.74 0.65
CA LEU A 144 2.86 -5.10 1.47
C LEU A 144 2.59 -4.47 2.86
N THR A 145 1.95 -3.30 2.85
CA THR A 145 1.62 -2.62 4.12
C THR A 145 0.67 -3.50 4.94
N HIS A 146 -0.19 -4.33 4.31
CA HIS A 146 -1.02 -5.29 5.04
C HIS A 146 -0.17 -6.30 5.79
N ALA A 147 1.02 -6.66 5.27
CA ALA A 147 1.98 -7.55 5.95
C ALA A 147 2.48 -6.87 7.24
N VAL A 148 2.84 -5.54 7.09
CA VAL A 148 3.33 -4.70 8.17
C VAL A 148 2.33 -4.71 9.29
N THR A 149 1.04 -4.33 9.03
CA THR A 149 -0.11 -4.30 9.98
C THR A 149 -0.37 -5.65 10.76
N ASP A 150 -0.24 -6.76 10.00
CA ASP A 150 -0.36 -8.14 10.49
C ASP A 150 0.66 -8.45 11.58
N TYR A 151 1.90 -8.01 11.36
CA TYR A 151 2.97 -8.15 12.30
C TYR A 151 2.99 -7.10 13.36
N THR A 152 2.29 -6.00 13.26
CA THR A 152 2.29 -4.98 14.32
C THR A 152 0.95 -4.87 15.08
N ALA A 153 0.11 -3.90 14.75
CA ALA A 153 -1.22 -3.83 15.38
C ALA A 153 -2.09 -5.13 15.20
N GLY A 154 -2.09 -5.75 14.02
CA GLY A 154 -2.84 -6.99 13.82
C GLY A 154 -4.32 -6.69 13.66
N LEU A 155 -4.67 -5.52 13.15
CA LEU A 155 -6.06 -5.07 13.06
C LEU A 155 -6.96 -6.11 12.42
N ILE A 156 -8.01 -6.57 13.10
CA ILE A 156 -8.93 -7.57 12.51
C ILE A 156 -9.60 -7.08 11.16
N TYR A 157 -9.74 -7.94 10.16
CA TYR A 157 -10.33 -7.53 8.91
C TYR A 157 -11.85 -7.40 8.90
N GLN A 158 -12.42 -6.65 9.82
CA GLN A 158 -13.83 -6.41 9.75
C GLN A 158 -14.23 -5.21 10.57
N ASN A 159 -15.38 -4.60 10.16
CA ASN A 159 -15.95 -3.44 10.84
C ASN A 159 -14.94 -2.31 10.92
N GLU A 160 -14.94 -1.48 12.00
CA GLU A 160 -14.01 -0.34 12.16
C GLU A 160 -12.51 -0.65 12.18
N SER A 161 -12.12 -1.71 12.84
CA SER A 161 -10.72 -2.02 12.85
C SER A 161 -10.29 -2.45 11.44
N GLY A 162 -11.13 -3.06 10.63
CA GLY A 162 -10.72 -3.39 9.25
C GLY A 162 -10.67 -2.17 8.27
N ALA A 163 -11.43 -1.15 8.59
CA ALA A 163 -11.46 0.09 7.84
C ALA A 163 -10.21 0.82 8.12
N ILE A 164 -9.75 0.78 9.32
CA ILE A 164 -8.48 1.33 9.76
C ILE A 164 -7.39 0.55 9.06
N ASN A 165 -7.51 -0.79 8.97
CA ASN A 165 -6.50 -1.60 8.34
C ASN A 165 -6.30 -1.19 6.91
N GLU A 166 -7.44 -1.03 6.24
CA GLU A 166 -7.52 -0.56 4.82
C GLU A 166 -6.95 0.84 4.60
N ALA A 167 -7.34 1.82 5.41
CA ALA A 167 -6.81 3.18 5.42
C ALA A 167 -5.28 3.30 5.63
N ILE A 168 -4.70 2.52 6.52
CA ILE A 168 -3.24 2.50 6.76
C ILE A 168 -2.54 2.05 5.52
N SER A 169 -3.10 1.00 4.86
CA SER A 169 -2.57 0.53 3.59
C SER A 169 -2.58 1.61 2.51
N ASP A 170 -3.66 2.36 2.45
CA ASP A 170 -3.92 3.43 1.48
C ASP A 170 -2.97 4.58 1.78
N ILE A 171 -2.84 4.92 3.09
CA ILE A 171 -1.93 5.99 3.56
C ILE A 171 -0.48 5.69 3.18
N PHE A 172 -0.02 4.49 3.58
CA PHE A 172 1.34 4.11 3.27
C PHE A 172 1.55 3.77 1.81
N GLY A 173 0.53 3.39 1.07
CA GLY A 173 0.82 3.20 -0.33
C GLY A 173 0.98 4.50 -1.07
N THR A 174 0.25 5.53 -0.64
CA THR A 174 0.41 6.90 -1.17
C THR A 174 1.81 7.47 -0.80
N LEU A 175 2.24 7.29 0.45
CA LEU A 175 3.52 7.78 0.93
C LEU A 175 4.70 7.20 0.12
N VAL A 176 4.61 5.91 -0.19
CA VAL A 176 5.54 5.17 -1.01
C VAL A 176 5.48 5.75 -2.45
N GLU A 177 4.28 6.03 -3.02
CA GLU A 177 4.21 6.64 -4.35
C GLU A 177 4.87 8.03 -4.38
N PHE A 178 4.76 8.83 -3.30
CA PHE A 178 5.42 10.10 -3.22
C PHE A 178 6.90 9.93 -3.04
N TYR A 179 7.28 8.96 -2.20
CA TYR A 179 8.66 8.55 -1.96
C TYR A 179 9.42 8.24 -3.26
N ALA A 180 8.79 7.46 -4.13
CA ALA A 180 9.40 7.16 -5.41
C ALA A 180 9.22 8.27 -6.43
N ASN A 181 8.32 9.27 -6.15
CA ASN A 181 8.19 10.42 -7.03
C ASN A 181 7.70 9.94 -8.38
N LYS A 182 6.81 8.96 -8.29
CA LYS A 182 6.25 8.33 -9.50
C LYS A 182 4.90 8.93 -9.84
N ASN A 183 4.89 10.19 -10.25
CA ASN A 183 3.66 10.94 -10.54
C ASN A 183 2.70 10.88 -9.32
N PRO A 184 3.08 11.41 -8.16
CA PRO A 184 2.32 11.25 -6.99
C PRO A 184 1.03 11.99 -6.87
N ASP A 185 0.12 11.38 -6.17
CA ASP A 185 -1.18 11.96 -5.97
C ASP A 185 -1.74 11.32 -4.74
N TRP A 186 -3.00 11.67 -4.45
CA TRP A 186 -3.77 11.26 -3.26
C TRP A 186 -4.94 10.33 -3.69
N GLU A 187 -4.68 9.70 -4.84
CA GLU A 187 -5.62 8.76 -5.38
C GLU A 187 -5.11 7.36 -5.20
N ILE A 188 -5.99 6.36 -5.23
CA ILE A 188 -5.63 4.92 -5.20
C ILE A 188 -5.96 4.08 -6.50
N GLY A 189 -4.92 3.44 -7.06
CA GLY A 189 -4.85 2.63 -8.28
C GLY A 189 -5.08 3.33 -9.64
N GLU A 190 -4.91 4.66 -9.77
CA GLU A 190 -5.16 5.36 -10.98
C GLU A 190 -4.39 4.84 -12.19
N ASP A 191 -3.24 4.22 -11.94
CA ASP A 191 -2.34 3.76 -13.00
C ASP A 191 -2.77 2.45 -13.62
N VAL A 192 -3.58 1.70 -12.93
CA VAL A 192 -3.95 0.38 -13.41
C VAL A 192 -5.46 0.26 -13.57
N TYR A 193 -6.20 1.22 -13.09
CA TYR A 193 -7.63 1.15 -13.20
C TYR A 193 -8.14 1.76 -14.53
N THR A 194 -9.11 1.08 -15.18
CA THR A 194 -9.91 1.44 -16.38
C THR A 194 -9.11 2.18 -17.45
N PRO A 195 -8.36 1.33 -18.10
CA PRO A 195 -7.43 1.73 -19.11
C PRO A 195 -8.09 2.55 -20.20
N GLY A 196 -9.40 2.43 -20.33
CA GLY A 196 -10.09 3.31 -21.25
C GLY A 196 -10.48 4.71 -20.70
N ILE A 197 -10.68 4.82 -19.40
CA ILE A 197 -11.10 6.09 -18.83
C ILE A 197 -9.91 6.81 -18.21
N SER A 198 -9.89 8.10 -18.42
CA SER A 198 -8.81 8.91 -17.97
C SER A 198 -9.22 9.69 -16.74
N GLY A 199 -8.27 10.03 -15.91
CA GLY A 199 -8.62 10.83 -14.76
C GLY A 199 -9.42 10.20 -13.61
N ASP A 200 -9.74 8.91 -13.69
CA ASP A 200 -10.40 8.21 -12.58
C ASP A 200 -9.43 7.38 -11.73
N SER A 201 -10.01 6.82 -10.68
CA SER A 201 -9.23 6.01 -9.75
C SER A 201 -10.14 5.15 -8.97
N LEU A 202 -9.64 4.20 -8.21
CA LEU A 202 -10.49 3.26 -7.47
C LEU A 202 -11.12 3.94 -6.25
N ARG A 203 -10.32 4.78 -5.58
CA ARG A 203 -10.65 5.54 -4.41
C ARG A 203 -9.83 6.81 -4.39
N SER A 204 -10.46 7.85 -3.81
CA SER A 204 -9.86 9.15 -3.61
C SER A 204 -9.57 9.40 -2.12
N MET A 205 -8.36 9.94 -1.81
CA MET A 205 -8.05 10.30 -0.42
C MET A 205 -8.43 11.71 -0.10
N SER A 206 -8.23 12.54 -1.10
CA SER A 206 -8.54 13.96 -1.04
C SER A 206 -10.04 14.23 -0.99
N ASP A 207 -10.82 13.38 -1.64
CA ASP A 207 -12.28 13.51 -1.71
C ASP A 207 -12.93 12.14 -1.88
N PRO A 208 -13.00 11.37 -0.81
CA PRO A 208 -13.54 10.05 -0.94
C PRO A 208 -14.94 10.09 -1.55
N ALA A 209 -15.70 11.18 -1.39
CA ALA A 209 -17.08 11.23 -1.87
C ALA A 209 -17.32 11.15 -3.40
N LYS A 210 -16.28 11.40 -4.14
CA LYS A 210 -16.17 11.44 -5.59
C LYS A 210 -16.69 10.15 -6.22
N TYR A 211 -16.45 9.07 -5.47
CA TYR A 211 -16.73 7.70 -5.82
C TYR A 211 -17.77 7.12 -4.90
N GLY A 212 -18.37 7.94 -4.03
CA GLY A 212 -19.46 7.47 -3.19
C GLY A 212 -19.04 6.99 -1.81
N ASP A 213 -17.78 7.20 -1.44
CA ASP A 213 -17.32 6.81 -0.11
C ASP A 213 -17.51 7.94 0.93
N PRO A 214 -17.82 7.55 2.15
CA PRO A 214 -18.08 8.52 3.19
C PRO A 214 -16.85 9.35 3.48
N ASP A 215 -17.05 10.66 3.80
CA ASP A 215 -15.96 11.61 4.14
C ASP A 215 -16.26 12.25 5.49
N HIS A 216 -17.21 11.62 6.16
CA HIS A 216 -17.70 11.99 7.49
C HIS A 216 -18.26 10.78 8.22
N TYR A 217 -18.03 10.68 9.58
CA TYR A 217 -18.48 9.58 10.47
C TYR A 217 -19.95 9.37 10.50
N SER A 218 -20.66 10.47 10.26
CA SER A 218 -22.14 10.43 10.16
C SER A 218 -22.71 9.73 8.90
N LYS A 219 -21.82 9.54 7.92
CA LYS A 219 -22.10 8.91 6.64
C LYS A 219 -21.56 7.45 6.53
N ARG A 220 -21.03 6.97 7.62
CA ARG A 220 -20.45 5.66 7.75
C ARG A 220 -21.48 4.59 7.39
N TYR A 221 -21.06 3.54 6.69
CA TYR A 221 -21.76 2.32 6.29
C TYR A 221 -21.82 1.34 7.45
N THR A 222 -23.04 0.97 7.80
CA THR A 222 -23.41 0.15 8.96
C THR A 222 -23.85 -1.28 8.63
N GLY A 223 -23.95 -1.56 7.36
CA GLY A 223 -24.26 -2.87 6.86
C GLY A 223 -23.20 -3.96 7.07
N THR A 224 -23.40 -4.92 6.17
CA THR A 224 -22.79 -6.21 6.08
C THR A 224 -21.83 -6.48 4.94
N GLN A 225 -22.05 -5.83 3.79
CA GLN A 225 -21.13 -6.17 2.76
C GLN A 225 -19.76 -5.61 3.08
N ASP A 226 -18.82 -6.17 2.33
CA ASP A 226 -17.42 -5.80 2.34
C ASP A 226 -16.80 -5.88 3.72
N ASN A 227 -17.13 -6.95 4.40
CA ASN A 227 -16.70 -7.14 5.76
C ASN A 227 -17.11 -6.02 6.67
N GLY A 228 -18.25 -5.42 6.30
CA GLY A 228 -18.86 -4.35 7.06
C GLY A 228 -18.29 -3.05 6.59
N GLY A 229 -18.01 -2.97 5.29
CA GLY A 229 -17.45 -1.81 4.67
C GLY A 229 -16.04 -1.34 5.02
N VAL A 230 -15.13 -2.28 5.05
CA VAL A 230 -13.73 -2.10 5.27
C VAL A 230 -13.08 -1.22 4.20
N HIS A 231 -13.56 -1.33 2.95
CA HIS A 231 -13.12 -0.53 1.81
C HIS A 231 -13.96 0.75 1.63
N ILE A 232 -15.07 0.82 2.36
CA ILE A 232 -16.03 1.91 2.29
C ILE A 232 -15.71 2.92 3.35
N ASN A 233 -15.79 2.49 4.57
CA ASN A 233 -15.47 3.38 5.70
C ASN A 233 -14.02 3.87 5.87
N SER A 234 -13.10 3.23 5.16
CA SER A 234 -11.72 3.66 5.17
C SER A 234 -11.66 5.07 4.67
N GLY A 235 -12.62 5.52 3.90
CA GLY A 235 -12.59 6.90 3.35
C GLY A 235 -12.64 8.06 4.38
N ILE A 236 -13.24 7.73 5.61
CA ILE A 236 -13.33 8.62 6.76
C ILE A 236 -11.96 8.92 7.32
N ILE A 237 -11.17 7.85 7.44
CA ILE A 237 -9.75 7.88 7.82
C ILE A 237 -8.81 8.51 6.79
N ASN A 238 -8.95 8.17 5.50
CA ASN A 238 -8.12 8.64 4.39
C ASN A 238 -8.25 10.15 4.28
N LYS A 239 -9.50 10.62 4.43
CA LYS A 239 -9.84 12.06 4.44
C LYS A 239 -9.13 12.74 5.59
N ALA A 240 -9.24 12.18 6.84
CA ALA A 240 -8.51 12.66 7.97
C ALA A 240 -7.00 12.76 7.71
N ALA A 241 -6.42 11.69 7.14
CA ALA A 241 -5.00 11.64 6.89
C ALA A 241 -4.56 12.74 5.92
N TYR A 242 -5.32 12.89 4.80
CA TYR A 242 -5.17 13.95 3.78
C TYR A 242 -5.16 15.36 4.44
N LEU A 243 -6.13 15.66 5.30
CA LEU A 243 -6.27 16.95 5.96
C LEU A 243 -5.04 17.24 6.86
N ILE A 244 -4.57 16.33 7.68
CA ILE A 244 -3.39 16.51 8.49
C ILE A 244 -2.17 16.91 7.68
N SER A 245 -1.98 16.25 6.57
CA SER A 245 -0.86 16.47 5.71
C SER A 245 -0.95 17.75 4.92
N GLN A 246 -2.07 17.96 4.20
CA GLN A 246 -2.27 19.06 3.27
C GLN A 246 -3.02 20.29 3.84
N GLY A 247 -3.85 20.10 4.85
CA GLY A 247 -4.69 21.18 5.35
C GLY A 247 -6.01 21.31 4.58
N GLY A 248 -6.85 22.19 5.06
CA GLY A 248 -8.11 22.49 4.36
C GLY A 248 -9.22 22.72 5.37
N THR A 249 -10.37 23.07 4.85
CA THR A 249 -11.61 23.25 5.56
C THR A 249 -12.63 22.19 5.15
N HIS A 250 -13.10 21.37 6.10
CA HIS A 250 -14.00 20.31 5.71
C HIS A 250 -15.14 20.36 6.63
N TYR A 251 -16.36 20.47 6.06
CA TYR A 251 -17.55 20.67 6.86
C TYR A 251 -17.40 21.82 7.91
N GLY A 252 -16.80 22.93 7.46
CA GLY A 252 -16.70 24.08 8.34
C GLY A 252 -15.58 24.05 9.34
N VAL A 253 -14.79 22.93 9.41
CA VAL A 253 -13.66 22.73 10.38
C VAL A 253 -12.34 22.91 9.67
N SER A 254 -11.54 23.88 10.14
CA SER A 254 -10.27 24.25 9.46
C SER A 254 -9.03 23.54 10.02
N VAL A 255 -8.23 22.90 9.12
CA VAL A 255 -7.02 22.15 9.52
C VAL A 255 -5.79 22.71 8.91
N VAL A 256 -4.80 23.04 9.74
CA VAL A 256 -3.54 23.50 9.17
C VAL A 256 -2.72 22.26 8.87
N GLY A 257 -2.26 22.17 7.66
CA GLY A 257 -1.51 20.98 7.21
C GLY A 257 -0.10 20.93 7.80
N ILE A 258 0.36 19.78 8.21
CA ILE A 258 1.72 19.63 8.74
C ILE A 258 2.66 18.82 7.79
N GLY A 259 2.18 18.36 6.63
CA GLY A 259 3.04 17.75 5.64
C GLY A 259 3.07 16.23 5.66
N ARG A 260 3.52 15.60 4.59
CA ARG A 260 3.51 14.17 4.55
C ARG A 260 4.50 13.38 5.30
N ASP A 261 5.64 13.93 5.52
CA ASP A 261 6.65 13.33 6.34
C ASP A 261 6.16 13.04 7.77
N LYS A 262 5.67 14.09 8.43
CA LYS A 262 5.13 14.05 9.77
C LYS A 262 3.89 13.18 9.86
N LEU A 263 3.03 13.23 8.83
CA LEU A 263 1.88 12.32 8.78
C LEU A 263 2.43 10.86 8.83
N GLY A 264 3.41 10.51 8.01
CA GLY A 264 3.99 9.16 8.00
C GLY A 264 4.55 8.79 9.33
N LYS A 265 5.22 9.73 10.01
CA LYS A 265 5.81 9.50 11.32
C LYS A 265 4.78 9.32 12.42
N ILE A 266 3.73 10.18 12.48
CA ILE A 266 2.72 9.94 13.49
C ILE A 266 1.97 8.59 13.23
N PHE A 267 1.54 8.31 11.99
CA PHE A 267 0.82 7.11 11.69
C PHE A 267 1.59 5.77 11.99
N TYR A 268 2.90 5.74 11.70
CA TYR A 268 3.76 4.60 11.89
C TYR A 268 3.92 4.32 13.35
N ARG A 269 4.09 5.41 14.11
CA ARG A 269 4.14 5.32 15.54
C ARG A 269 2.79 4.83 16.15
N ALA A 270 1.64 5.34 15.66
CA ALA A 270 0.36 4.84 16.17
C ALA A 270 0.20 3.30 15.88
N LEU A 271 0.51 2.90 14.64
CA LEU A 271 0.46 1.55 14.16
C LEU A 271 1.33 0.59 14.97
N THR A 272 2.58 1.01 15.27
CA THR A 272 3.53 0.14 15.88
C THR A 272 3.53 0.13 17.37
N GLN A 273 3.11 1.23 17.96
CA GLN A 273 3.10 1.33 19.41
C GLN A 273 1.69 1.35 20.04
N TYR A 274 0.68 2.00 19.43
CA TYR A 274 -0.61 2.16 20.11
C TYR A 274 -1.81 1.40 19.62
N LEU A 275 -1.86 1.00 18.40
CA LEU A 275 -2.99 0.25 17.90
C LEU A 275 -2.96 -1.25 18.27
N THR A 276 -4.16 -1.86 18.54
CA THR A 276 -4.38 -3.25 18.85
C THR A 276 -5.32 -3.88 17.82
N PRO A 277 -5.55 -5.20 17.86
CA PRO A 277 -6.36 -5.85 16.82
C PRO A 277 -7.80 -5.38 16.73
N THR A 278 -8.26 -4.80 17.80
CA THR A 278 -9.63 -4.43 18.02
C THR A 278 -9.97 -2.95 18.06
N SER A 279 -8.97 -2.16 17.77
CA SER A 279 -9.08 -0.71 17.76
C SER A 279 -10.18 -0.25 16.83
N ASN A 280 -10.84 0.79 17.29
CA ASN A 280 -11.90 1.45 16.61
C ASN A 280 -11.48 2.87 16.23
N PHE A 281 -12.34 3.60 15.50
CA PHE A 281 -11.93 4.89 14.98
C PHE A 281 -11.55 5.83 16.14
N SER A 282 -12.28 5.71 17.23
CA SER A 282 -12.08 6.62 18.32
C SER A 282 -10.81 6.29 19.05
N GLN A 283 -10.40 5.02 18.98
CA GLN A 283 -9.11 4.66 19.53
C GLN A 283 -8.01 5.05 18.55
N LEU A 284 -8.26 5.17 17.27
CA LEU A 284 -7.24 5.63 16.36
C LEU A 284 -6.93 7.10 16.60
N ARG A 285 -7.96 7.87 16.85
CA ARG A 285 -7.79 9.26 17.18
C ARG A 285 -6.86 9.42 18.36
N ALA A 286 -7.13 8.72 19.51
CA ALA A 286 -6.34 8.71 20.71
C ALA A 286 -4.89 8.31 20.45
N ALA A 287 -4.71 7.29 19.60
CA ALA A 287 -3.41 6.75 19.25
C ALA A 287 -2.61 7.76 18.44
N ALA A 288 -3.26 8.43 17.47
CA ALA A 288 -2.62 9.45 16.69
C ALA A 288 -2.20 10.67 17.51
N VAL A 289 -3.08 11.21 18.33
CA VAL A 289 -2.84 12.35 19.24
C VAL A 289 -1.65 12.07 20.18
N GLN A 290 -1.65 10.86 20.77
CA GLN A 290 -0.61 10.40 21.66
C GLN A 290 0.74 10.26 20.95
N SER A 291 0.78 9.77 19.66
CA SER A 291 2.01 9.69 18.81
C SER A 291 2.60 11.05 18.49
N ALA A 292 1.69 11.97 18.13
CA ALA A 292 1.98 13.35 17.85
C ALA A 292 2.54 14.02 19.11
N THR A 293 1.90 13.79 20.29
CA THR A 293 2.40 14.29 21.59
C THR A 293 3.82 13.82 21.96
N ASP A 294 4.15 12.54 21.71
CA ASP A 294 5.41 11.86 21.96
C ASP A 294 6.54 12.46 21.15
N LEU A 295 6.20 12.70 19.90
CA LEU A 295 7.09 13.26 18.92
C LEU A 295 7.29 14.75 18.95
N TYR A 296 6.23 15.52 19.09
CA TYR A 296 6.23 16.97 18.96
C TYR A 296 5.85 17.75 20.23
N GLY A 297 5.33 17.13 21.32
CA GLY A 297 4.88 17.89 22.51
C GLY A 297 3.38 18.21 22.46
N SER A 298 2.77 18.18 23.62
CA SER A 298 1.33 18.31 23.75
C SER A 298 0.78 19.63 23.30
N THR A 299 1.70 20.58 23.27
CA THR A 299 1.35 21.91 22.87
C THR A 299 1.86 22.22 21.46
N SER A 300 2.14 21.19 20.69
CA SER A 300 2.59 21.45 19.35
C SER A 300 1.44 21.71 18.39
N GLN A 301 1.82 22.25 17.25
CA GLN A 301 0.90 22.45 16.13
C GLN A 301 0.49 21.11 15.56
N GLU A 302 1.46 20.16 15.49
CA GLU A 302 1.21 18.79 15.07
C GLU A 302 0.03 18.15 15.81
N VAL A 303 0.03 18.25 17.10
CA VAL A 303 -1.01 17.68 17.91
C VAL A 303 -2.30 18.41 17.59
N ALA A 304 -2.24 19.72 17.44
CA ALA A 304 -3.41 20.55 17.18
C ALA A 304 -4.04 20.21 15.84
N SER A 305 -3.26 19.99 14.77
CA SER A 305 -3.71 19.54 13.43
C SER A 305 -4.34 18.11 13.37
N VAL A 306 -3.78 17.14 14.17
CA VAL A 306 -4.38 15.84 14.32
C VAL A 306 -5.80 15.93 14.92
N LYS A 307 -6.00 16.70 16.01
CA LYS A 307 -7.32 16.91 16.63
C LYS A 307 -8.32 17.51 15.69
N GLN A 308 -7.93 18.53 14.92
CA GLN A 308 -8.77 19.23 13.96
C GLN A 308 -9.28 18.30 12.87
N ALA A 309 -8.33 17.61 12.35
CA ALA A 309 -8.56 16.61 11.36
C ALA A 309 -9.60 15.59 11.77
N PHE A 310 -9.43 14.95 12.89
CA PHE A 310 -10.45 14.05 13.38
C PHE A 310 -11.77 14.73 13.66
N ASP A 311 -11.72 15.95 14.13
CA ASP A 311 -12.91 16.71 14.39
C ASP A 311 -13.61 17.00 13.09
N ALA A 312 -12.83 17.36 12.05
CA ALA A 312 -13.41 17.63 10.73
C ALA A 312 -14.20 16.45 10.13
N VAL A 313 -13.80 15.21 10.45
CA VAL A 313 -14.42 13.99 9.93
C VAL A 313 -15.40 13.32 10.88
N GLY A 314 -15.67 14.00 12.01
CA GLY A 314 -16.68 13.54 12.95
C GLY A 314 -16.30 12.39 13.87
N VAL A 315 -14.97 12.12 13.98
CA VAL A 315 -14.38 11.10 14.83
C VAL A 315 -14.03 11.73 16.18
N LYS A 316 -14.96 11.48 17.10
CA LYS A 316 -15.08 12.05 18.40
C LYS A 316 -15.63 13.55 18.37
CA CA B . -1.89 7.04 -6.50
CA CA C . 0.09 8.42 -9.31
CA CA D . 14.25 -12.93 -21.39
CA CA E . -8.69 4.90 -15.57
ZN ZN F . -6.31 -3.70 1.33
CA1 INC G . -5.22 -5.59 -2.65
C1 INC G . -5.96 -5.46 -1.34
O1 INC G . -5.68 -6.01 -0.22
N2 INC G . -7.00 -4.79 -1.54
OH2 INC G . -7.78 -4.58 -0.46
CA2 INC G . -7.32 -4.18 -2.89
CB2 INC G . -6.58 -2.87 -3.09
CG2 INC G . -6.48 -2.46 -4.56
CD1 INC G . -5.87 -3.48 -5.58
CD2 INC G . -5.67 -1.20 -4.44
C2 INC G . -8.80 -3.78 -3.04
O2 INC G . -8.98 -2.55 -2.91
O3 INC G . -9.81 -4.78 -3.22
C3 INC G . -11.17 -4.26 -3.43
#